data_9REP
#
_entry.id   9REP
#
_cell.length_a   52.704
_cell.length_b   71.383
_cell.length_c   99.065
_cell.angle_alpha   90.000
_cell.angle_beta   90.000
_cell.angle_gamma   90.000
#
_symmetry.space_group_name_H-M   'P 21 21 21'
#
loop_
_entity.id
_entity.type
_entity.pdbx_description
1 polymer 'cAMP-dependent protein kinase catalytic subunit alpha'
2 non-polymer DI(HYDROXYETHYL)ETHER
3 non-polymer '3-(4-methoxyphenyl)-4-[(1~{S})-1-oxidanylethyl]-1,2-oxazole-5-carboxylic acid'
4 non-polymer 'DIMETHYL SULFOXIDE'
5 water water
#
_entity_poly.entity_id   1
_entity_poly.type   'polypeptide(L)'
_entity_poly.pdbx_seq_one_letter_code
;GHMGNAAAAKKGSEQESVKEFLAKAKEEFLKKWESPSQNTAQLDHFDRIKTLGTGSFGRVMLVKHKETGNHYAMKILDKQ
KVVKLKQIEHTLNEKRILQAVNFPFLVKLEFSFKDNSNLYMVMEYVPGGEMFSHLRRIGRF(SEP)EPHARFYAAQIVLT
FEYLHSLDLIYRDLKPENLLIDQQGYIQVTDFGFAKRVKGRTW(TPO)LCGTPEYLAPEIILSKGYNKAVDWWALGVLIY
EMAAGYPPFFADQPIQIYEKIVSGKVRFPSHFSSDLKDLLRNLLQVDLTKRFGNLKNGVNDIKNHKWFATTDWIAIYQRK
VEAPFIPKFKGPGDTSNFDDYEEEEIRV(SEP)INEKCGKEFTEF
;
_entity_poly.pdbx_strand_id   A
#
loop_
_chem_comp.id
_chem_comp.type
_chem_comp.name
_chem_comp.formula
A1JFA non-polymer '3-(4-methoxyphenyl)-4-[(1~{S})-1-oxidanylethyl]-1,2-oxazole-5-carboxylic acid' 'C13 H13 N O5'
DMS non-polymer 'DIMETHYL SULFOXIDE' 'C2 H6 O S'
PEG non-polymer DI(HYDROXYETHYL)ETHER 'C4 H10 O3'
#
# COMPACT_ATOMS: atom_id res chain seq x y z
N GLU A 14 12.45 -22.95 -1.18
CA GLU A 14 11.11 -22.87 -1.77
C GLU A 14 10.94 -23.99 -2.85
N GLN A 15 9.71 -24.47 -3.07
CA GLN A 15 9.44 -25.40 -4.16
C GLN A 15 9.84 -24.79 -5.50
N GLU A 16 10.29 -25.65 -6.40
CA GLU A 16 10.50 -25.26 -7.80
C GLU A 16 9.29 -24.52 -8.36
N SER A 17 8.06 -24.91 -7.98
CA SER A 17 6.91 -24.21 -8.55
C SER A 17 6.87 -22.72 -8.15
N VAL A 18 7.25 -22.40 -6.90
CA VAL A 18 7.28 -21.01 -6.44
C VAL A 18 8.40 -20.23 -7.14
N LYS A 19 9.57 -20.88 -7.29
CA LYS A 19 10.71 -20.29 -7.96
C LYS A 19 10.37 -19.94 -9.41
N GLU A 20 9.70 -20.86 -10.11
CA GLU A 20 9.34 -20.62 -11.51
C GLU A 20 8.26 -19.57 -11.62
N PHE A 21 7.32 -19.51 -10.66
CA PHE A 21 6.33 -18.45 -10.70
C PHE A 21 6.98 -17.07 -10.53
N LEU A 22 7.87 -16.93 -9.54
CA LEU A 22 8.55 -15.65 -9.30
C LEU A 22 9.49 -15.27 -10.46
N ALA A 23 10.09 -16.25 -11.14
CA ALA A 23 10.95 -15.93 -12.27
C ALA A 23 10.14 -15.38 -13.45
N LYS A 24 8.97 -15.97 -13.73
CA LYS A 24 8.09 -15.41 -14.75
C LYS A 24 7.59 -14.02 -14.35
N ALA A 25 7.22 -13.82 -13.07
CA ALA A 25 6.72 -12.52 -12.62
C ALA A 25 7.79 -11.43 -12.83
N LYS A 26 9.07 -11.76 -12.56
CA LYS A 26 10.11 -10.73 -12.75
C LYS A 26 10.38 -10.44 -14.22
N GLU A 27 10.35 -11.48 -15.09
CA GLU A 27 10.50 -11.26 -16.53
C GLU A 27 9.41 -10.34 -17.08
N GLU A 28 8.17 -10.58 -16.69
CA GLU A 28 7.05 -9.77 -17.20
C GLU A 28 7.14 -8.32 -16.69
N PHE A 29 7.51 -8.16 -15.40
CA PHE A 29 7.74 -6.82 -14.83
C PHE A 29 8.83 -6.08 -15.58
N LEU A 30 9.99 -6.74 -15.81
CA LEU A 30 11.12 -6.04 -16.45
C LEU A 30 10.78 -5.56 -17.86
N LYS A 31 10.00 -6.34 -18.62
CA LYS A 31 9.67 -5.91 -19.98
C LYS A 31 8.92 -4.58 -19.98
N LYS A 32 7.95 -4.42 -19.05
CA LYS A 32 7.23 -3.15 -18.99
C LYS A 32 8.04 -2.05 -18.31
N TRP A 33 8.88 -2.42 -17.34
CA TRP A 33 9.72 -1.46 -16.62
C TRP A 33 10.69 -0.76 -17.58
N GLU A 34 11.25 -1.53 -18.51
CA GLU A 34 12.26 -0.99 -19.42
C GLU A 34 11.65 -0.20 -20.58
N SER A 35 10.39 -0.44 -20.90
CA SER A 35 9.66 0.29 -21.95
C SER A 35 8.27 0.75 -21.47
N PRO A 36 8.20 1.83 -20.67
CA PRO A 36 6.92 2.18 -20.01
C PRO A 36 5.89 2.71 -21.00
N SER A 37 4.60 2.45 -20.70
CA SER A 37 3.53 3.10 -21.46
C SER A 37 3.38 4.56 -21.03
N GLN A 38 2.95 5.42 -21.97
CA GLN A 38 2.73 6.85 -21.72
C GLN A 38 1.53 7.31 -22.50
N ASN A 39 0.80 8.32 -21.95
CA ASN A 39 -0.16 9.10 -22.75
C ASN A 39 -1.29 8.24 -23.35
N THR A 40 -1.96 7.44 -22.50
CA THR A 40 -2.90 6.46 -23.00
C THR A 40 -4.37 6.88 -22.85
N ALA A 41 -4.65 8.09 -22.36
CA ALA A 41 -6.01 8.68 -22.35
C ALA A 41 -5.87 10.21 -22.28
N GLN A 42 -7.01 10.94 -22.20
CA GLN A 42 -6.99 12.38 -21.94
C GLN A 42 -8.20 12.76 -21.07
N LEU A 43 -8.15 13.99 -20.48
CA LEU A 43 -9.11 14.35 -19.41
C LEU A 43 -10.55 14.39 -19.92
N ASP A 44 -10.78 14.90 -21.16
CA ASP A 44 -12.16 15.05 -21.62
C ASP A 44 -12.78 13.74 -22.13
N HIS A 45 -12.11 12.62 -21.91
CA HIS A 45 -12.72 11.29 -22.11
C HIS A 45 -13.51 10.81 -20.88
N PHE A 46 -13.47 11.58 -19.78
CA PHE A 46 -14.11 11.21 -18.50
C PHE A 46 -15.04 12.31 -17.98
N ASP A 47 -16.12 11.87 -17.28
CA ASP A 47 -16.95 12.75 -16.45
C ASP A 47 -16.50 12.64 -14.98
N ARG A 48 -16.40 13.77 -14.28
CA ARG A 48 -16.05 13.84 -12.87
C ARG A 48 -17.30 13.57 -12.03
N ILE A 49 -17.20 12.70 -11.02
CA ILE A 49 -18.36 12.33 -10.18
C ILE A 49 -18.24 12.86 -8.75
N LYS A 50 -17.12 12.57 -8.05
CA LYS A 50 -17.01 12.90 -6.63
C LYS A 50 -15.55 12.83 -6.20
N THR A 51 -15.15 13.72 -5.28
CA THR A 51 -13.82 13.59 -4.67
C THR A 51 -13.81 12.52 -3.57
N LEU A 52 -12.91 11.52 -3.68
CA LEU A 52 -12.82 10.42 -2.71
C LEU A 52 -11.78 10.64 -1.63
N GLY A 53 -10.82 11.55 -1.84
CA GLY A 53 -9.75 11.86 -0.85
C GLY A 53 -8.89 13.00 -1.36
N THR A 54 -8.22 13.69 -0.42
N THR A 54 -8.21 13.65 -0.41
CA THR A 54 -7.43 14.88 -0.78
CA THR A 54 -7.37 14.81 -0.68
C THR A 54 -6.23 15.08 0.16
C THR A 54 -6.04 14.68 0.05
N GLY A 55 -5.06 15.44 -0.41
CA GLY A 55 -3.80 15.60 0.29
C GLY A 55 -3.01 16.86 -0.08
N SER A 56 -1.71 16.89 0.29
CA SER A 56 -0.90 18.10 0.15
C SER A 56 -0.66 18.49 -1.33
N PHE A 57 -0.57 17.51 -2.22
CA PHE A 57 -0.23 17.80 -3.60
C PHE A 57 -1.15 17.10 -4.59
N GLY A 58 -2.13 16.32 -4.09
CA GLY A 58 -2.97 15.45 -4.90
C GLY A 58 -4.36 15.15 -4.33
N ARG A 59 -5.21 14.62 -5.20
CA ARG A 59 -6.57 14.20 -4.86
C ARG A 59 -6.87 12.91 -5.60
N VAL A 60 -7.88 12.17 -5.13
CA VAL A 60 -8.40 11.03 -5.89
C VAL A 60 -9.88 11.28 -6.15
N MET A 61 -10.30 11.16 -7.41
N MET A 61 -10.28 11.13 -7.41
CA MET A 61 -11.71 11.43 -7.77
CA MET A 61 -11.64 11.34 -7.85
C MET A 61 -12.36 10.26 -8.52
C MET A 61 -12.27 10.03 -8.31
N LEU A 62 -13.59 9.89 -8.11
CA LEU A 62 -14.38 8.94 -8.91
C LEU A 62 -14.73 9.60 -10.25
N VAL A 63 -14.48 8.89 -11.36
CA VAL A 63 -14.78 9.31 -12.72
C VAL A 63 -15.49 8.21 -13.48
N LYS A 64 -16.18 8.59 -14.59
CA LYS A 64 -16.83 7.64 -15.48
C LYS A 64 -16.32 7.88 -16.89
N HIS A 65 -15.87 6.82 -17.58
CA HIS A 65 -15.44 6.94 -18.98
C HIS A 65 -16.68 7.16 -19.86
N LYS A 66 -16.64 8.21 -20.71
CA LYS A 66 -17.85 8.66 -21.41
C LYS A 66 -18.32 7.68 -22.49
N GLU A 67 -17.41 6.90 -23.08
CA GLU A 67 -17.80 6.00 -24.16
C GLU A 67 -18.17 4.61 -23.65
N THR A 68 -17.47 4.09 -22.64
CA THR A 68 -17.71 2.74 -22.16
C THR A 68 -18.65 2.67 -20.96
N GLY A 69 -18.77 3.77 -20.19
CA GLY A 69 -19.52 3.84 -18.95
C GLY A 69 -18.81 3.23 -17.75
N ASN A 70 -17.57 2.79 -17.91
CA ASN A 70 -16.84 2.19 -16.78
C ASN A 70 -16.42 3.23 -15.77
N HIS A 71 -16.43 2.85 -14.46
CA HIS A 71 -15.96 3.73 -13.39
C HIS A 71 -14.49 3.50 -13.07
N TYR A 72 -13.79 4.57 -12.68
CA TYR A 72 -12.38 4.51 -12.32
C TYR A 72 -12.08 5.48 -11.18
N ALA A 73 -10.96 5.25 -10.48
CA ALA A 73 -10.45 6.19 -9.46
C ALA A 73 -9.28 6.94 -10.11
N MET A 74 -9.40 8.25 -10.29
CA MET A 74 -8.41 9.06 -11.01
C MET A 74 -7.59 9.86 -9.97
N LYS A 75 -6.28 9.54 -9.83
CA LYS A 75 -5.39 10.30 -8.96
C LYS A 75 -4.79 11.47 -9.76
N ILE A 76 -4.95 12.70 -9.23
CA ILE A 76 -4.58 13.95 -9.91
C ILE A 76 -3.52 14.64 -9.04
N LEU A 77 -2.32 14.85 -9.61
CA LEU A 77 -1.22 15.52 -8.91
C LEU A 77 -0.93 16.87 -9.56
N ASP A 78 -0.91 17.93 -8.76
CA ASP A 78 -0.53 19.25 -9.27
C ASP A 78 1.00 19.34 -9.42
N LYS A 79 1.50 19.53 -10.66
CA LYS A 79 2.94 19.47 -10.92
C LYS A 79 3.69 20.50 -10.07
N GLN A 80 3.15 21.72 -9.94
CA GLN A 80 3.84 22.75 -9.18
C GLN A 80 3.96 22.39 -7.71
N LYS A 81 2.92 21.76 -7.14
CA LYS A 81 2.99 21.34 -5.74
C LYS A 81 3.91 20.14 -5.54
N VAL A 82 4.00 19.24 -6.53
CA VAL A 82 4.90 18.09 -6.43
C VAL A 82 6.34 18.58 -6.32
N VAL A 83 6.71 19.56 -7.16
CA VAL A 83 8.04 20.15 -7.14
C VAL A 83 8.33 20.82 -5.80
N LYS A 84 7.38 21.65 -5.31
CA LYS A 84 7.62 22.38 -4.07
C LYS A 84 7.80 21.44 -2.89
N LEU A 85 7.05 20.34 -2.86
CA LEU A 85 7.16 19.37 -1.79
C LEU A 85 8.19 18.27 -2.06
N LYS A 86 9.11 18.45 -3.03
CA LYS A 86 10.24 17.52 -3.27
C LYS A 86 9.82 16.08 -3.56
N GLN A 87 8.70 15.94 -4.29
CA GLN A 87 8.22 14.62 -4.65
C GLN A 87 8.40 14.23 -6.13
N ILE A 88 9.31 14.87 -6.89
CA ILE A 88 9.40 14.58 -8.33
C ILE A 88 9.76 13.10 -8.57
N GLU A 89 10.89 12.68 -7.99
CA GLU A 89 11.35 11.30 -8.17
C GLU A 89 10.32 10.30 -7.68
N HIS A 90 9.68 10.58 -6.53
CA HIS A 90 8.66 9.67 -6.01
C HIS A 90 7.46 9.53 -6.94
N THR A 91 7.01 10.64 -7.57
N THR A 91 7.04 10.64 -7.54
CA THR A 91 5.86 10.51 -8.48
CA THR A 91 5.90 10.59 -8.46
C THR A 91 6.23 9.80 -9.79
C THR A 91 6.26 9.77 -9.71
N LEU A 92 7.48 9.98 -10.26
CA LEU A 92 7.90 9.21 -11.42
C LEU A 92 8.04 7.72 -11.05
N ASN A 93 8.56 7.41 -9.85
CA ASN A 93 8.59 6.01 -9.39
C ASN A 93 7.19 5.41 -9.37
N GLU A 94 6.23 6.14 -8.77
CA GLU A 94 4.86 5.63 -8.59
C GLU A 94 4.27 5.17 -9.93
N LYS A 95 4.30 6.05 -10.95
CA LYS A 95 3.69 5.69 -12.24
C LYS A 95 4.48 4.58 -12.97
N ARG A 96 5.83 4.64 -12.95
CA ARG A 96 6.59 3.61 -13.70
C ARG A 96 6.42 2.22 -13.07
N ILE A 97 6.33 2.15 -11.74
CA ILE A 97 6.10 0.85 -11.08
C ILE A 97 4.67 0.36 -11.39
N LEU A 98 3.66 1.23 -11.19
CA LEU A 98 2.27 0.78 -11.37
C LEU A 98 1.99 0.28 -12.79
N GLN A 99 2.57 0.92 -13.80
CA GLN A 99 2.30 0.43 -15.16
C GLN A 99 3.03 -0.87 -15.46
N ALA A 100 3.95 -1.32 -14.60
CA ALA A 100 4.66 -2.59 -14.83
C ALA A 100 4.27 -3.79 -13.96
N VAL A 101 3.55 -3.60 -12.82
CA VAL A 101 3.23 -4.72 -11.92
C VAL A 101 1.89 -5.38 -12.29
N ASN A 102 1.67 -6.59 -11.73
CA ASN A 102 0.45 -7.35 -12.00
C ASN A 102 0.34 -8.41 -10.90
N PHE A 103 -0.61 -8.26 -9.95
CA PHE A 103 -0.75 -9.25 -8.86
C PHE A 103 -2.18 -9.14 -8.33
N PRO A 104 -2.79 -10.24 -7.83
CA PRO A 104 -4.23 -10.17 -7.47
C PRO A 104 -4.58 -9.15 -6.41
N PHE A 105 -3.66 -8.77 -5.54
CA PHE A 105 -3.91 -7.91 -4.38
C PHE A 105 -3.34 -6.50 -4.57
N LEU A 106 -3.04 -6.12 -5.83
CA LEU A 106 -2.62 -4.77 -6.17
C LEU A 106 -3.66 -4.08 -7.06
N VAL A 107 -4.06 -2.84 -6.72
CA VAL A 107 -4.98 -2.10 -7.61
C VAL A 107 -4.31 -1.90 -8.97
N LYS A 108 -5.09 -2.07 -10.05
CA LYS A 108 -4.60 -2.03 -11.41
C LYS A 108 -4.65 -0.63 -12.02
N LEU A 109 -3.54 -0.17 -12.59
CA LEU A 109 -3.50 1.08 -13.36
C LEU A 109 -4.04 0.78 -14.76
N GLU A 110 -5.01 1.57 -15.23
CA GLU A 110 -5.61 1.39 -16.55
C GLU A 110 -5.12 2.40 -17.58
N PHE A 111 -4.93 3.68 -17.19
CA PHE A 111 -4.44 4.71 -18.12
C PHE A 111 -3.55 5.69 -17.34
N SER A 112 -2.65 6.40 -18.06
CA SER A 112 -1.98 7.57 -17.47
C SER A 112 -1.76 8.63 -18.54
N PHE A 113 -1.68 9.90 -18.12
CA PHE A 113 -1.43 11.03 -19.03
C PHE A 113 -1.07 12.26 -18.19
N LYS A 114 -0.68 13.33 -18.88
CA LYS A 114 -0.41 14.62 -18.25
C LYS A 114 -0.91 15.76 -19.16
N ASP A 115 -1.04 16.95 -18.59
CA ASP A 115 -1.38 18.16 -19.36
C ASP A 115 -0.52 19.32 -18.85
N ASN A 116 -0.90 20.57 -19.19
CA ASN A 116 -0.06 21.73 -18.80
C ASN A 116 0.11 21.82 -17.28
N SER A 117 -0.90 21.37 -16.49
CA SER A 117 -0.88 21.59 -15.06
C SER A 117 -0.68 20.33 -14.22
N ASN A 118 -1.20 19.16 -14.63
CA ASN A 118 -1.35 18.04 -13.71
C ASN A 118 -0.80 16.75 -14.31
N LEU A 119 -0.57 15.78 -13.40
CA LEU A 119 -0.29 14.39 -13.75
C LEU A 119 -1.51 13.56 -13.36
N TYR A 120 -1.87 12.55 -14.17
CA TYR A 120 -3.07 11.74 -13.94
C TYR A 120 -2.74 10.24 -14.00
N MET A 121 -3.22 9.50 -13.00
CA MET A 121 -3.16 8.03 -12.96
C MET A 121 -4.58 7.51 -12.79
N VAL A 122 -5.10 6.75 -13.77
CA VAL A 122 -6.49 6.29 -13.79
C VAL A 122 -6.49 4.81 -13.41
N MET A 123 -6.99 4.48 -12.19
N MET A 123 -7.01 4.44 -12.24
CA MET A 123 -6.99 3.14 -11.59
CA MET A 123 -6.93 3.03 -11.88
C MET A 123 -8.37 2.50 -11.69
C MET A 123 -8.31 2.50 -11.59
N GLU A 124 -8.42 1.17 -11.53
CA GLU A 124 -9.72 0.55 -11.26
C GLU A 124 -10.29 1.09 -9.94
N TYR A 125 -11.62 1.24 -9.88
CA TYR A 125 -12.27 1.73 -8.65
C TYR A 125 -12.70 0.56 -7.78
N VAL A 126 -12.31 0.58 -6.51
CA VAL A 126 -12.64 -0.46 -5.54
C VAL A 126 -13.67 0.13 -4.58
N PRO A 127 -14.95 -0.28 -4.67
CA PRO A 127 -16.04 0.46 -3.99
C PRO A 127 -16.24 0.11 -2.51
N GLY A 128 -15.55 -0.90 -1.97
CA GLY A 128 -15.80 -1.29 -0.59
C GLY A 128 -15.18 -0.39 0.46
N GLY A 129 -14.33 0.57 0.08
CA GLY A 129 -13.74 1.45 1.07
C GLY A 129 -12.41 0.97 1.63
N GLU A 130 -11.80 1.83 2.45
CA GLU A 130 -10.54 1.52 3.13
C GLU A 130 -10.75 0.56 4.30
N MET A 131 -9.79 -0.39 4.48
N MET A 131 -9.79 -0.35 4.50
CA MET A 131 -9.79 -1.22 5.67
CA MET A 131 -9.86 -1.23 5.66
C MET A 131 -9.96 -0.37 6.93
C MET A 131 -9.85 -0.43 6.98
N PHE A 132 -9.24 0.77 6.96
CA PHE A 132 -9.26 1.65 8.14
C PHE A 132 -10.67 1.98 8.62
N SER A 133 -11.58 2.36 7.70
N SER A 133 -11.61 2.32 7.72
CA SER A 133 -12.95 2.70 8.08
CA SER A 133 -12.93 2.72 8.21
C SER A 133 -13.60 1.52 8.80
C SER A 133 -13.69 1.52 8.77
N HIS A 134 -13.52 0.33 8.18
CA HIS A 134 -14.18 -0.86 8.74
C HIS A 134 -13.60 -1.23 10.12
N LEU A 135 -12.27 -1.22 10.24
CA LEU A 135 -11.57 -1.47 11.51
C LEU A 135 -12.05 -0.52 12.62
N ARG A 136 -12.11 0.78 12.31
CA ARG A 136 -12.52 1.78 13.31
C ARG A 136 -14.00 1.64 13.67
N ARG A 137 -14.87 1.23 12.72
CA ARG A 137 -16.31 1.05 13.01
C ARG A 137 -16.55 -0.15 13.95
N ILE A 138 -15.83 -1.25 13.78
N ILE A 138 -15.82 -1.25 13.78
CA ILE A 138 -16.07 -2.44 14.60
CA ILE A 138 -16.09 -2.45 14.60
C ILE A 138 -15.28 -2.40 15.92
C ILE A 138 -15.16 -2.63 15.80
N GLY A 139 -14.06 -1.86 15.87
CA GLY A 139 -13.20 -1.78 17.02
C GLY A 139 -11.93 -2.61 16.76
N ARG A 140 -12.07 -3.92 16.58
CA ARG A 140 -10.90 -4.77 16.24
C ARG A 140 -11.41 -5.99 15.49
N PHE A 141 -10.50 -6.65 14.74
CA PHE A 141 -10.82 -7.90 14.04
C PHE A 141 -10.40 -9.13 14.89
N SEP A 142 -11.13 -10.24 14.81
CA SEP A 142 -10.66 -11.48 15.41
CB SEP A 142 -11.70 -12.59 15.24
OG SEP A 142 -11.82 -12.97 13.85
C SEP A 142 -9.34 -11.96 14.78
O SEP A 142 -9.01 -11.53 13.67
P SEP A 142 -13.10 -13.93 13.39
O1P SEP A 142 -14.41 -13.01 13.64
O2P SEP A 142 -12.89 -14.24 11.84
O3P SEP A 142 -13.17 -15.20 14.26
N GLU A 143 -8.65 -12.92 15.41
CA GLU A 143 -7.37 -13.39 14.83
C GLU A 143 -7.59 -14.04 13.47
N PRO A 144 -8.63 -14.86 13.27
CA PRO A 144 -8.78 -15.46 11.91
C PRO A 144 -8.99 -14.39 10.84
N HIS A 145 -9.76 -13.34 11.17
CA HIS A 145 -10.04 -12.24 10.23
C HIS A 145 -8.76 -11.45 9.91
N ALA A 146 -7.99 -11.08 10.95
CA ALA A 146 -6.68 -10.42 10.77
C ALA A 146 -5.75 -11.28 9.93
N ARG A 147 -5.76 -12.59 10.18
CA ARG A 147 -4.86 -13.53 9.48
C ARG A 147 -5.18 -13.64 7.98
N PHE A 148 -6.46 -13.63 7.62
CA PHE A 148 -6.85 -13.63 6.20
C PHE A 148 -6.25 -12.42 5.45
N TYR A 149 -6.38 -11.21 6.01
CA TYR A 149 -5.78 -10.03 5.36
C TYR A 149 -4.25 -10.09 5.40
N ALA A 150 -3.69 -10.48 6.57
CA ALA A 150 -2.23 -10.54 6.70
C ALA A 150 -1.62 -11.47 5.63
N ALA A 151 -2.23 -12.63 5.39
CA ALA A 151 -1.72 -13.59 4.39
C ALA A 151 -1.61 -12.92 3.00
N GLN A 152 -2.59 -12.09 2.63
CA GLN A 152 -2.58 -11.37 1.35
C GLN A 152 -1.40 -10.41 1.29
N ILE A 153 -1.11 -9.70 2.41
CA ILE A 153 0.05 -8.80 2.44
C ILE A 153 1.36 -9.58 2.35
N VAL A 154 1.49 -10.73 3.04
CA VAL A 154 2.70 -11.56 2.94
C VAL A 154 2.97 -11.96 1.51
N LEU A 155 1.95 -12.46 0.77
CA LEU A 155 2.14 -12.84 -0.63
C LEU A 155 2.52 -11.60 -1.48
N THR A 156 1.84 -10.47 -1.26
CA THR A 156 2.10 -9.27 -2.07
C THR A 156 3.55 -8.79 -1.86
N PHE A 157 4.03 -8.79 -0.59
CA PHE A 157 5.42 -8.40 -0.31
C PHE A 157 6.41 -9.41 -0.89
N GLU A 158 6.11 -10.71 -0.82
CA GLU A 158 6.96 -11.71 -1.50
C GLU A 158 7.12 -11.36 -3.00
N TYR A 159 6.00 -11.06 -3.68
CA TYR A 159 6.03 -10.64 -5.10
C TYR A 159 6.84 -9.33 -5.30
N LEU A 160 6.52 -8.26 -4.56
CA LEU A 160 7.21 -6.98 -4.77
C LEU A 160 8.72 -7.10 -4.47
N HIS A 161 9.07 -7.73 -3.35
CA HIS A 161 10.50 -7.88 -2.99
C HIS A 161 11.28 -8.68 -4.04
N SER A 162 10.63 -9.67 -4.67
N SER A 162 10.64 -9.70 -4.62
CA SER A 162 11.33 -10.49 -5.69
CA SER A 162 11.32 -10.49 -5.65
C SER A 162 11.59 -9.73 -6.99
C SER A 162 11.72 -9.63 -6.85
N LEU A 163 10.92 -8.58 -7.17
CA LEU A 163 11.17 -7.64 -8.27
C LEU A 163 12.10 -6.50 -7.84
N ASP A 164 12.72 -6.60 -6.63
CA ASP A 164 13.56 -5.55 -6.07
C ASP A 164 12.81 -4.26 -5.79
N LEU A 165 11.52 -4.35 -5.41
CA LEU A 165 10.69 -3.18 -5.06
C LEU A 165 10.44 -3.16 -3.54
N ILE A 166 10.58 -1.98 -2.93
CA ILE A 166 10.17 -1.75 -1.54
C ILE A 166 8.91 -0.89 -1.58
N TYR A 167 7.91 -1.22 -0.75
CA TYR A 167 6.61 -0.54 -0.84
C TYR A 167 6.60 0.74 0.01
N ARG A 168 6.98 0.68 1.30
CA ARG A 168 7.24 1.85 2.17
C ARG A 168 6.00 2.67 2.57
N ASP A 169 4.75 2.18 2.36
CA ASP A 169 3.60 2.95 2.84
C ASP A 169 2.50 2.04 3.40
N LEU A 170 2.86 0.90 4.01
CA LEU A 170 1.80 0.04 4.58
C LEU A 170 1.11 0.70 5.78
N LYS A 171 -0.22 0.78 5.72
CA LYS A 171 -1.08 1.30 6.78
C LYS A 171 -2.53 0.97 6.38
N PRO A 172 -3.49 0.96 7.34
CA PRO A 172 -4.85 0.49 6.98
C PRO A 172 -5.58 1.36 5.98
N GLU A 173 -5.20 2.65 5.87
CA GLU A 173 -5.87 3.53 4.88
C GLU A 173 -5.57 3.11 3.43
N ASN A 174 -4.43 2.43 3.22
CA ASN A 174 -4.00 2.05 1.85
C ASN A 174 -4.48 0.67 1.40
N LEU A 175 -5.29 -0.02 2.20
CA LEU A 175 -5.74 -1.38 1.89
C LEU A 175 -7.23 -1.27 1.56
N LEU A 176 -7.63 -1.32 0.30
CA LEU A 176 -9.06 -1.23 -0.06
C LEU A 176 -9.70 -2.63 -0.06
N ILE A 177 -10.98 -2.70 0.33
N ILE A 177 -10.95 -2.72 0.37
CA ILE A 177 -11.72 -3.98 0.39
CA ILE A 177 -11.68 -3.99 0.36
C ILE A 177 -12.64 -4.08 -0.82
C ILE A 177 -12.56 -4.04 -0.88
N ASP A 178 -12.46 -5.14 -1.65
CA ASP A 178 -13.14 -5.29 -2.93
C ASP A 178 -14.48 -6.05 -2.82
N GLN A 179 -15.12 -6.29 -3.98
CA GLN A 179 -16.47 -6.87 -4.02
C GLN A 179 -16.51 -8.31 -3.51
N GLN A 180 -15.35 -9.00 -3.46
CA GLN A 180 -15.26 -10.36 -2.90
C GLN A 180 -14.77 -10.35 -1.45
N GLY A 181 -14.51 -9.17 -0.84
CA GLY A 181 -13.95 -9.05 0.49
C GLY A 181 -12.45 -9.28 0.59
N TYR A 182 -11.75 -9.27 -0.56
CA TYR A 182 -10.29 -9.35 -0.54
C TYR A 182 -9.66 -7.93 -0.57
N ILE A 183 -8.39 -7.85 -0.24
CA ILE A 183 -7.60 -6.60 -0.25
C ILE A 183 -7.07 -6.27 -1.65
N GLN A 184 -7.11 -4.97 -1.97
CA GLN A 184 -6.28 -4.40 -3.06
C GLN A 184 -5.47 -3.24 -2.51
N VAL A 185 -4.13 -3.32 -2.60
CA VAL A 185 -3.23 -2.28 -2.09
C VAL A 185 -3.16 -1.13 -3.10
N THR A 186 -3.38 0.10 -2.59
CA THR A 186 -3.29 1.33 -3.40
C THR A 186 -2.22 2.27 -2.82
N ASP A 187 -1.86 3.30 -3.60
CA ASP A 187 -0.90 4.36 -3.25
C ASP A 187 0.55 3.87 -3.29
N PHE A 188 1.18 3.97 -4.47
CA PHE A 188 2.58 3.60 -4.65
C PHE A 188 3.50 4.83 -4.58
N GLY A 189 3.05 5.92 -3.92
CA GLY A 189 3.80 7.17 -3.88
C GLY A 189 5.19 7.08 -3.25
N PHE A 190 5.42 6.13 -2.34
CA PHE A 190 6.75 5.94 -1.77
C PHE A 190 7.42 4.63 -2.28
N ALA A 191 6.82 3.90 -3.23
CA ALA A 191 7.44 2.66 -3.69
C ALA A 191 8.68 2.94 -4.56
N LYS A 192 9.66 2.06 -4.49
CA LYS A 192 10.93 2.33 -5.20
C LYS A 192 11.64 1.04 -5.56
N ARG A 193 12.26 1.02 -6.76
CA ARG A 193 13.15 -0.10 -7.11
C ARG A 193 14.54 0.13 -6.49
N VAL A 194 14.98 -0.80 -5.63
CA VAL A 194 16.15 -0.68 -4.73
C VAL A 194 16.88 -2.02 -4.73
N LYS A 195 18.13 -2.08 -5.21
N LYS A 195 18.10 -2.04 -5.27
CA LYS A 195 18.78 -3.40 -5.15
CA LYS A 195 19.07 -3.11 -5.04
C LYS A 195 19.51 -3.65 -3.83
C LYS A 195 20.07 -2.56 -4.01
N GLY A 196 20.00 -2.60 -3.20
N GLY A 196 19.97 -3.07 -2.79
CA GLY A 196 20.61 -2.66 -1.89
CA GLY A 196 20.92 -2.68 -1.76
C GLY A 196 19.90 -1.82 -0.86
C GLY A 196 20.26 -2.00 -0.60
N ARG A 197 20.52 -0.70 -0.48
CA ARG A 197 19.97 0.19 0.54
C ARG A 197 19.40 1.46 -0.09
N THR A 198 18.55 2.15 0.67
CA THR A 198 18.02 3.46 0.29
C THR A 198 17.96 4.33 1.55
N TRP A 199 17.77 5.65 1.37
CA TRP A 199 17.96 6.61 2.47
C TRP A 199 16.86 7.64 2.72
N TPO A 200 15.83 7.74 1.88
CA TPO A 200 14.85 8.83 2.07
CB TPO A 200 13.89 8.96 0.84
CG2 TPO A 200 13.06 10.26 0.93
OG1 TPO A 200 14.70 8.98 -0.34
P TPO A 200 14.57 7.71 -1.43
O1P TPO A 200 13.14 7.70 -1.98
O2P TPO A 200 15.66 7.92 -2.51
O3P TPO A 200 14.85 6.45 -0.63
C TPO A 200 13.98 8.73 3.34
O TPO A 200 13.44 7.59 3.59
N LEU A 201 13.80 9.83 4.11
CA LEU A 201 12.81 9.80 5.24
C LEU A 201 11.42 9.89 4.67
N CYS A 202 10.65 8.81 4.73
CA CYS A 202 9.26 8.83 4.28
C CYS A 202 8.49 7.69 4.96
N GLY A 203 7.16 7.80 4.92
CA GLY A 203 6.28 6.90 5.62
C GLY A 203 5.46 7.62 6.67
N THR A 204 4.53 6.88 7.24
N THR A 204 4.46 6.87 7.23
CA THR A 204 3.67 7.47 8.26
CA THR A 204 3.73 7.59 8.27
C THR A 204 4.21 7.14 9.66
C THR A 204 4.21 7.17 9.66
N PRO A 205 4.20 8.12 10.61
CA PRO A 205 4.93 7.90 11.89
C PRO A 205 4.70 6.58 12.61
N GLU A 206 3.45 6.18 12.79
CA GLU A 206 3.18 4.98 13.58
C GLU A 206 3.77 3.70 12.97
N TYR A 207 4.03 3.70 11.66
N TYR A 207 4.07 3.71 11.67
CA TYR A 207 4.48 2.52 10.92
CA TYR A 207 4.49 2.52 10.94
C TYR A 207 5.97 2.51 10.59
C TYR A 207 5.98 2.50 10.61
N LEU A 208 6.73 3.53 10.99
CA LEU A 208 8.14 3.60 10.61
C LEU A 208 9.01 2.62 11.41
N ALA A 209 9.92 1.93 10.70
CA ALA A 209 10.93 1.10 11.37
C ALA A 209 11.98 1.96 12.08
N PRO A 210 12.64 1.41 13.12
CA PRO A 210 13.68 2.21 13.83
C PRO A 210 14.78 2.72 12.90
N GLU A 211 15.22 1.93 11.92
CA GLU A 211 16.32 2.37 11.05
C GLU A 211 15.93 3.58 10.18
N ILE A 212 14.65 3.72 9.82
CA ILE A 212 14.23 4.97 9.14
C ILE A 212 14.34 6.17 10.09
N ILE A 213 13.78 6.04 11.30
CA ILE A 213 13.81 7.12 12.29
C ILE A 213 15.23 7.57 12.59
N LEU A 214 16.18 6.64 12.63
CA LEU A 214 17.59 6.92 12.97
C LEU A 214 18.44 7.32 11.74
N SER A 215 17.80 7.57 10.58
CA SER A 215 18.50 8.12 9.41
C SER A 215 19.62 7.18 8.91
N LYS A 216 19.40 5.86 8.98
CA LYS A 216 20.31 4.84 8.45
C LYS A 216 19.97 4.51 6.99
N GLY A 217 20.94 3.90 6.30
CA GLY A 217 20.59 3.18 5.07
C GLY A 217 19.78 1.92 5.40
N TYR A 218 18.66 1.74 4.70
CA TYR A 218 17.71 0.68 5.08
C TYR A 218 17.28 -0.09 3.83
N ASN A 219 16.63 -1.23 4.05
CA ASN A 219 16.27 -2.13 2.93
C ASN A 219 14.85 -2.66 3.12
N LYS A 220 14.55 -3.78 2.43
CA LYS A 220 13.18 -4.33 2.40
C LYS A 220 12.69 -4.77 3.79
N ALA A 221 13.59 -4.89 4.78
CA ALA A 221 13.16 -5.27 6.14
C ALA A 221 12.21 -4.22 6.73
N VAL A 222 12.20 -2.97 6.21
CA VAL A 222 11.25 -1.98 6.76
C VAL A 222 9.80 -2.36 6.44
N ASP A 223 9.55 -3.05 5.32
CA ASP A 223 8.20 -3.51 5.01
C ASP A 223 7.74 -4.58 6.01
N TRP A 224 8.64 -5.50 6.40
CA TRP A 224 8.29 -6.57 7.36
C TRP A 224 8.02 -6.02 8.76
N TRP A 225 8.78 -4.98 9.20
CA TRP A 225 8.43 -4.24 10.43
C TRP A 225 6.99 -3.67 10.32
N ALA A 226 6.69 -3.00 9.19
CA ALA A 226 5.37 -2.37 9.01
C ALA A 226 4.26 -3.43 9.03
N LEU A 227 4.53 -4.65 8.53
CA LEU A 227 3.53 -5.75 8.61
C LEU A 227 3.24 -6.10 10.08
N GLY A 228 4.30 -6.13 10.94
CA GLY A 228 4.05 -6.35 12.36
C GLY A 228 3.16 -5.27 12.98
N VAL A 229 3.38 -3.99 12.61
CA VAL A 229 2.53 -2.92 13.14
C VAL A 229 1.07 -3.13 12.67
N LEU A 230 0.89 -3.49 11.38
CA LEU A 230 -0.45 -3.67 10.81
C LEU A 230 -1.18 -4.83 11.50
N ILE A 231 -0.52 -5.99 11.68
CA ILE A 231 -1.17 -7.14 12.32
C ILE A 231 -1.57 -6.79 13.76
N TYR A 232 -0.67 -6.14 14.51
CA TYR A 232 -0.99 -5.65 15.86
C TYR A 232 -2.25 -4.77 15.83
N GLU A 233 -2.27 -3.75 14.96
CA GLU A 233 -3.39 -2.81 14.90
C GLU A 233 -4.71 -3.50 14.51
N MET A 234 -4.68 -4.44 13.56
CA MET A 234 -5.90 -5.17 13.21
C MET A 234 -6.45 -5.95 14.41
N ALA A 235 -5.56 -6.65 15.16
CA ALA A 235 -5.98 -7.58 16.23
C ALA A 235 -6.28 -6.85 17.56
N ALA A 236 -5.68 -5.68 17.80
CA ALA A 236 -5.90 -4.89 19.01
C ALA A 236 -6.91 -3.76 18.83
N GLY A 237 -6.90 -3.11 17.66
CA GLY A 237 -7.73 -1.93 17.40
C GLY A 237 -6.96 -0.63 17.46
N TYR A 238 -5.67 -0.68 17.85
CA TYR A 238 -4.81 0.52 17.94
C TYR A 238 -3.38 0.05 17.67
N PRO A 239 -2.48 0.96 17.24
CA PRO A 239 -1.10 0.51 16.88
C PRO A 239 -0.21 0.40 18.12
N PRO A 240 0.86 -0.40 18.02
CA PRO A 240 1.66 -0.72 19.22
C PRO A 240 2.41 0.44 19.85
N PHE A 241 2.82 1.45 19.06
CA PHE A 241 3.69 2.50 19.57
C PHE A 241 2.96 3.81 19.74
N PHE A 242 1.65 3.74 19.94
CA PHE A 242 0.82 4.94 20.00
C PHE A 242 1.30 5.97 21.03
N ALA A 243 1.24 7.25 20.64
CA ALA A 243 1.43 8.38 21.56
C ALA A 243 0.89 9.65 20.90
N ASP A 244 0.82 10.75 21.69
CA ASP A 244 0.15 12.00 21.25
C ASP A 244 0.94 12.82 20.21
N GLN A 245 2.26 12.78 20.21
CA GLN A 245 3.04 13.56 19.25
C GLN A 245 4.09 12.67 18.61
N PRO A 246 4.55 13.03 17.39
CA PRO A 246 5.55 12.21 16.68
C PRO A 246 6.78 11.87 17.51
N ILE A 247 7.39 12.83 18.22
CA ILE A 247 8.65 12.52 18.91
C ILE A 247 8.45 11.43 19.95
N GLN A 248 7.29 11.41 20.64
CA GLN A 248 7.02 10.35 21.61
C GLN A 248 6.79 8.99 20.94
N ILE A 249 6.10 8.95 19.78
CA ILE A 249 5.99 7.70 19.01
C ILE A 249 7.37 7.17 18.65
N TYR A 250 8.25 8.07 18.19
CA TYR A 250 9.58 7.65 17.76
C TYR A 250 10.39 7.10 18.93
N GLU A 251 10.27 7.72 20.11
CA GLU A 251 10.95 7.17 21.30
C GLU A 251 10.48 5.74 21.64
N LYS A 252 9.16 5.48 21.56
CA LYS A 252 8.63 4.14 21.80
C LYS A 252 9.15 3.13 20.76
N ILE A 253 9.12 3.50 19.47
CA ILE A 253 9.59 2.62 18.38
C ILE A 253 11.04 2.17 18.61
N VAL A 254 11.95 3.12 18.87
CA VAL A 254 13.37 2.77 19.01
C VAL A 254 13.69 2.04 20.31
N SER A 255 12.88 2.24 21.36
N SER A 255 12.76 2.02 21.28
CA SER A 255 12.97 1.33 22.48
CA SER A 255 13.03 1.52 22.63
C SER A 255 12.46 -0.04 22.08
C SER A 255 13.27 0.01 22.71
N GLY A 256 11.51 -0.08 21.13
N GLY A 256 12.72 -0.79 21.79
CA GLY A 256 10.80 -1.28 20.74
CA GLY A 256 12.83 -2.23 21.87
C GLY A 256 10.15 -2.01 21.88
C GLY A 256 11.90 -2.95 22.82
N LYS A 257 9.95 -1.35 23.02
N LYS A 257 10.83 -2.31 23.31
CA LYS A 257 9.18 -1.96 24.09
CA LYS A 257 9.80 -2.95 24.11
C LYS A 257 7.71 -2.01 23.66
C LYS A 257 8.44 -2.75 23.45
N VAL A 258 7.18 -3.23 23.55
N VAL A 258 7.49 -3.64 23.77
CA VAL A 258 5.85 -3.47 23.01
CA VAL A 258 6.10 -3.58 23.28
C VAL A 258 5.08 -4.32 24.01
C VAL A 258 5.25 -4.22 24.36
N ARG A 259 3.99 -3.77 24.52
CA ARG A 259 3.06 -4.47 25.39
C ARG A 259 1.91 -5.08 24.58
N PHE A 260 1.54 -6.33 24.89
CA PHE A 260 0.48 -7.02 24.15
C PHE A 260 -0.80 -7.17 24.98
N PRO A 261 -1.99 -6.98 24.38
CA PRO A 261 -3.22 -7.32 25.13
C PRO A 261 -3.23 -8.77 25.55
N SER A 262 -3.83 -9.05 26.73
CA SER A 262 -3.96 -10.44 27.19
C SER A 262 -4.82 -11.28 26.25
N HIS A 263 -5.76 -10.67 25.50
CA HIS A 263 -6.51 -11.52 24.58
C HIS A 263 -5.68 -12.09 23.42
N PHE A 264 -4.51 -11.50 23.10
CA PHE A 264 -3.70 -12.09 22.03
C PHE A 264 -3.29 -13.53 22.37
N SER A 265 -3.31 -14.41 21.35
CA SER A 265 -2.77 -15.75 21.51
C SER A 265 -1.24 -15.72 21.73
N SER A 266 -0.69 -16.81 22.32
CA SER A 266 0.76 -16.93 22.42
C SER A 266 1.45 -16.97 21.03
N ASP A 267 0.83 -17.64 20.05
CA ASP A 267 1.43 -17.66 18.70
C ASP A 267 1.47 -16.26 18.10
N LEU A 268 0.39 -15.47 18.26
CA LEU A 268 0.42 -14.10 17.72
C LEU A 268 1.53 -13.26 18.40
N LYS A 269 1.62 -13.31 19.74
CA LYS A 269 2.69 -12.58 20.43
C LYS A 269 4.08 -12.97 19.88
N ASP A 270 4.31 -14.28 19.69
CA ASP A 270 5.64 -14.70 19.22
C ASP A 270 5.94 -14.16 17.82
N LEU A 271 4.98 -14.26 16.91
CA LEU A 271 5.20 -13.72 15.55
C LEU A 271 5.49 -12.22 15.62
N LEU A 272 4.72 -11.46 16.40
CA LEU A 272 4.92 -10.01 16.46
C LEU A 272 6.28 -9.63 17.09
N ARG A 273 6.78 -10.37 18.08
CA ARG A 273 8.09 -10.03 18.63
C ARG A 273 9.19 -10.20 17.57
N ASN A 274 8.99 -11.16 16.62
CA ASN A 274 9.96 -11.40 15.55
C ASN A 274 9.83 -10.43 14.38
N LEU A 275 8.62 -9.89 14.10
CA LEU A 275 8.50 -8.84 13.07
C LEU A 275 8.89 -7.46 13.64
N LEU A 276 8.55 -7.18 14.90
CA LEU A 276 8.86 -5.92 15.59
C LEU A 276 10.20 -5.98 16.32
N GLN A 277 11.17 -6.61 15.69
CA GLN A 277 12.52 -6.75 16.21
C GLN A 277 13.31 -5.49 15.79
N VAL A 278 13.83 -4.74 16.78
N VAL A 278 13.80 -4.74 16.79
CA VAL A 278 14.51 -3.47 16.48
CA VAL A 278 14.51 -3.47 16.51
C VAL A 278 15.86 -3.64 15.84
C VAL A 278 15.76 -3.71 15.67
N ASP A 279 16.48 -4.82 15.93
CA ASP A 279 17.73 -5.11 15.23
C ASP A 279 17.35 -5.71 13.88
N LEU A 280 17.52 -4.93 12.78
CA LEU A 280 17.04 -5.39 11.47
C LEU A 280 17.73 -6.70 11.04
N THR A 281 18.94 -7.00 11.56
CA THR A 281 19.64 -8.24 11.19
C THR A 281 19.02 -9.49 11.81
N LYS A 282 18.08 -9.33 12.77
CA LYS A 282 17.41 -10.44 13.46
C LYS A 282 15.92 -10.50 13.15
N ARG A 283 15.42 -9.67 12.25
CA ARG A 283 13.97 -9.52 12.01
C ARG A 283 13.44 -10.56 11.01
N PHE A 284 12.29 -11.21 11.32
CA PHE A 284 11.67 -12.13 10.37
C PHE A 284 11.39 -11.43 9.04
N GLY A 285 11.60 -12.18 7.96
CA GLY A 285 11.56 -11.66 6.62
C GLY A 285 12.93 -11.26 6.11
N ASN A 286 13.89 -11.02 7.02
CA ASN A 286 15.24 -10.57 6.65
C ASN A 286 16.35 -11.56 7.05
N LEU A 287 15.98 -12.80 7.41
CA LEU A 287 16.96 -13.84 7.72
C LEU A 287 17.28 -14.68 6.47
N LYS A 288 18.14 -15.70 6.65
CA LYS A 288 18.53 -16.56 5.52
C LYS A 288 17.34 -17.19 4.81
N ASN A 289 16.28 -17.57 5.55
CA ASN A 289 15.13 -18.19 4.91
C ASN A 289 14.07 -17.21 4.40
N GLY A 290 14.33 -15.91 4.48
CA GLY A 290 13.43 -14.90 3.92
C GLY A 290 11.99 -15.02 4.38
N VAL A 291 11.06 -14.90 3.43
CA VAL A 291 9.63 -14.91 3.76
C VAL A 291 9.19 -16.25 4.35
N ASN A 292 9.94 -17.36 4.12
CA ASN A 292 9.47 -18.65 4.61
C ASN A 292 9.45 -18.74 6.14
N ASP A 293 10.27 -17.94 6.85
CA ASP A 293 10.14 -17.91 8.32
C ASP A 293 8.76 -17.37 8.76
N ILE A 294 8.18 -16.46 7.98
CA ILE A 294 6.82 -15.97 8.26
C ILE A 294 5.78 -16.99 7.84
N LYS A 295 5.86 -17.51 6.61
CA LYS A 295 4.82 -18.42 6.12
C LYS A 295 4.70 -19.70 6.95
N ASN A 296 5.83 -20.17 7.52
CA ASN A 296 5.92 -21.41 8.29
C ASN A 296 5.71 -21.20 9.78
N HIS A 297 5.47 -19.96 10.23
CA HIS A 297 5.21 -19.71 11.66
C HIS A 297 3.91 -20.36 12.10
N LYS A 298 3.85 -20.81 13.37
CA LYS A 298 2.61 -21.44 13.90
C LYS A 298 1.34 -20.57 13.74
N TRP A 299 1.47 -19.22 13.81
CA TRP A 299 0.26 -18.39 13.68
C TRP A 299 -0.40 -18.60 12.32
N PHE A 300 0.37 -18.95 11.28
CA PHE A 300 -0.17 -19.19 9.94
C PHE A 300 -0.45 -20.67 9.65
N ALA A 301 -0.48 -21.56 10.68
CA ALA A 301 -0.60 -22.98 10.37
C ALA A 301 -1.88 -23.35 9.62
N THR A 302 -2.97 -22.60 9.85
CA THR A 302 -4.24 -22.91 9.20
C THR A 302 -4.36 -22.28 7.79
N THR A 303 -3.38 -21.48 7.35
CA THR A 303 -3.48 -20.72 6.08
C THR A 303 -3.14 -21.60 4.88
N ASP A 304 -4.04 -21.67 3.91
CA ASP A 304 -3.79 -22.33 2.62
C ASP A 304 -3.33 -21.26 1.62
N TRP A 305 -2.00 -21.15 1.44
CA TRP A 305 -1.42 -20.00 0.69
C TRP A 305 -1.89 -19.98 -0.77
N ILE A 306 -1.96 -21.16 -1.42
CA ILE A 306 -2.42 -21.25 -2.80
C ILE A 306 -3.87 -20.86 -2.93
N ALA A 307 -4.71 -21.32 -1.98
CA ALA A 307 -6.12 -20.98 -2.02
C ALA A 307 -6.37 -19.48 -1.84
N ILE A 308 -5.59 -18.82 -0.98
CA ILE A 308 -5.69 -17.35 -0.85
C ILE A 308 -5.34 -16.68 -2.19
N TYR A 309 -4.19 -17.07 -2.79
CA TYR A 309 -3.76 -16.43 -4.06
C TYR A 309 -4.81 -16.58 -5.15
N GLN A 310 -5.44 -17.77 -5.22
CA GLN A 310 -6.48 -18.08 -6.21
C GLN A 310 -7.84 -17.47 -5.88
N ARG A 311 -8.00 -16.79 -4.72
CA ARG A 311 -9.27 -16.19 -4.29
C ARG A 311 -10.38 -17.24 -4.09
N LYS A 312 -10.02 -18.44 -3.59
CA LYS A 312 -10.98 -19.49 -3.34
C LYS A 312 -11.47 -19.58 -1.90
N VAL A 313 -10.88 -18.83 -0.96
CA VAL A 313 -11.30 -18.81 0.45
C VAL A 313 -12.46 -17.82 0.65
N GLU A 314 -13.52 -18.23 1.35
CA GLU A 314 -14.60 -17.30 1.66
C GLU A 314 -14.11 -16.18 2.59
N ALA A 315 -14.31 -14.92 2.20
CA ALA A 315 -13.88 -13.78 3.01
C ALA A 315 -14.65 -13.63 4.34
N PRO A 316 -13.99 -13.00 5.34
CA PRO A 316 -14.68 -12.72 6.63
C PRO A 316 -15.96 -11.90 6.48
N PHE A 317 -15.97 -10.91 5.57
CA PHE A 317 -17.21 -10.19 5.25
C PHE A 317 -17.07 -9.52 3.89
N ILE A 318 -18.21 -9.25 3.29
CA ILE A 318 -18.33 -8.52 2.03
C ILE A 318 -18.84 -7.14 2.38
N PRO A 319 -18.17 -6.07 1.96
CA PRO A 319 -18.67 -4.71 2.24
C PRO A 319 -20.05 -4.49 1.63
N LYS A 320 -20.82 -3.60 2.28
CA LYS A 320 -22.16 -3.27 1.78
C LYS A 320 -22.07 -2.08 0.82
N PHE A 321 -22.45 -2.32 -0.41
CA PHE A 321 -22.46 -1.27 -1.45
C PHE A 321 -23.46 -1.72 -2.52
N LYS A 322 -23.97 -0.75 -3.30
CA LYS A 322 -25.06 -1.00 -4.23
C LYS A 322 -24.61 -1.34 -5.65
N GLY A 323 -23.36 -1.01 -6.05
CA GLY A 323 -22.93 -1.24 -7.41
C GLY A 323 -21.61 -0.56 -7.62
N PRO A 324 -21.07 -0.68 -8.84
CA PRO A 324 -19.70 -0.21 -9.08
C PRO A 324 -19.52 1.29 -9.03
N GLY A 325 -20.61 2.11 -9.09
CA GLY A 325 -20.56 3.55 -8.87
C GLY A 325 -20.87 4.05 -7.47
N ASP A 326 -21.16 3.17 -6.51
N ASP A 326 -21.11 3.17 -6.51
CA ASP A 326 -21.54 3.60 -5.18
CA ASP A 326 -21.48 3.53 -5.15
C ASP A 326 -20.32 4.19 -4.45
C ASP A 326 -20.29 4.16 -4.42
N THR A 327 -20.47 5.37 -3.84
CA THR A 327 -19.43 6.04 -3.04
C THR A 327 -19.67 6.04 -1.52
N SER A 328 -20.66 5.30 -1.04
N SER A 328 -20.66 5.29 -1.03
CA SER A 328 -21.07 5.39 0.37
CA SER A 328 -21.10 5.36 0.37
C SER A 328 -19.93 5.06 1.34
C SER A 328 -20.03 4.91 1.39
N ASN A 329 -19.02 4.15 0.97
CA ASN A 329 -17.94 3.71 1.86
C ASN A 329 -16.76 4.66 1.94
N PHE A 330 -16.81 5.80 1.23
CA PHE A 330 -15.80 6.85 1.31
C PHE A 330 -16.45 8.12 1.86
N ASP A 331 -15.64 9.09 2.29
CA ASP A 331 -16.15 10.25 3.04
C ASP A 331 -16.28 11.48 2.14
N ASP A 332 -16.71 12.60 2.73
CA ASP A 332 -17.09 13.79 1.97
C ASP A 332 -16.05 14.89 2.11
N TYR A 333 -15.66 15.46 0.95
CA TYR A 333 -14.64 16.52 0.85
C TYR A 333 -15.19 17.69 0.06
N GLU A 334 -14.67 18.90 0.33
CA GLU A 334 -15.01 20.07 -0.50
C GLU A 334 -14.63 19.79 -1.96
N GLU A 335 -15.56 20.06 -2.87
CA GLU A 335 -15.33 19.80 -4.30
C GLU A 335 -14.65 20.99 -4.99
N GLU A 336 -13.43 20.79 -5.51
CA GLU A 336 -12.65 21.86 -6.16
C GLU A 336 -12.45 21.60 -7.66
N GLU A 337 -12.21 22.69 -8.42
CA GLU A 337 -11.98 22.62 -9.88
C GLU A 337 -10.77 21.77 -10.25
N ILE A 338 -10.84 21.17 -11.45
CA ILE A 338 -9.63 20.64 -12.16
C ILE A 338 -9.30 21.63 -13.27
N ARG A 339 -8.51 22.63 -12.90
CA ARG A 339 -8.14 23.71 -13.82
C ARG A 339 -6.85 23.35 -14.56
N VAL A 340 -6.82 23.66 -15.83
CA VAL A 340 -5.63 23.40 -16.65
C VAL A 340 -5.11 24.72 -17.27
N SEP A 341 -3.85 25.08 -17.03
CA SEP A 341 -3.31 26.37 -17.44
CB SEP A 341 -1.97 26.60 -16.72
OG SEP A 341 -1.22 27.71 -17.23
C SEP A 341 -3.12 26.40 -18.97
O SEP A 341 -2.96 25.33 -19.58
P SEP A 341 -1.64 29.16 -16.60
O1P SEP A 341 -0.38 30.11 -16.77
O2P SEP A 341 -2.91 29.68 -17.39
O3P SEP A 341 -1.93 28.90 -15.02
N ILE A 342 -3.10 27.60 -19.55
CA ILE A 342 -2.76 27.79 -20.96
C ILE A 342 -1.25 27.61 -21.23
N ASN A 343 -0.42 27.66 -20.17
CA ASN A 343 1.04 27.51 -20.27
C ASN A 343 1.49 26.21 -19.61
N GLU A 344 2.45 25.50 -20.24
CA GLU A 344 2.99 24.25 -19.69
C GLU A 344 3.85 24.52 -18.46
N LYS A 345 3.56 23.85 -17.33
CA LYS A 345 4.34 23.99 -16.10
C LYS A 345 5.26 22.78 -15.92
N CYS A 346 6.53 23.03 -15.59
CA CYS A 346 7.41 21.92 -15.14
C CYS A 346 7.58 20.82 -16.21
N GLY A 347 7.69 21.21 -17.48
CA GLY A 347 7.76 20.21 -18.54
C GLY A 347 9.01 19.36 -18.46
N LYS A 348 10.17 19.98 -18.22
CA LYS A 348 11.41 19.20 -18.18
C LYS A 348 11.40 18.17 -17.06
N GLU A 349 10.94 18.56 -15.87
CA GLU A 349 10.95 17.68 -14.69
C GLU A 349 10.16 16.40 -14.93
N PHE A 350 9.05 16.49 -15.67
CA PHE A 350 8.16 15.36 -15.87
C PHE A 350 8.18 14.80 -17.29
N THR A 351 9.24 15.08 -18.07
CA THR A 351 9.39 14.55 -19.43
C THR A 351 9.05 13.05 -19.55
N GLU A 352 9.54 12.21 -18.62
CA GLU A 352 9.38 10.76 -18.75
C GLU A 352 7.99 10.25 -18.36
N PHE A 353 7.12 11.09 -17.77
CA PHE A 353 5.82 10.61 -17.30
C PHE A 353 4.91 10.37 -18.50
C1 PEG B . 15.89 3.07 -16.90
O1 PEG B . 15.94 1.94 -16.03
C2 PEG B . 15.57 2.74 -18.35
O2 PEG B . 15.19 3.90 -19.10
C3 PEG B . 13.86 3.85 -19.59
C4 PEG B . 13.39 5.19 -20.13
O4 PEG B . 12.55 5.88 -19.21
C10 A1JFA C . -15.94 -8.46 11.70
C11 A1JFA C . -16.51 -9.56 11.14
C12 A1JFA C . -16.63 -11.93 11.00
C13 A1JFA C . -17.35 -9.35 10.08
C01 A1JFA C . -17.61 -8.09 9.60
C02 A1JFA C . -17.03 -6.98 10.14
C03 A1JFA C . -17.29 -5.60 9.66
C04 A1JFA C . -18.06 -3.66 9.02
C05 A1JFA C . -18.70 -2.40 8.66
C06 A1JFA C . -18.45 -4.90 9.42
C07 A1JFA C . -19.87 -5.41 9.50
C08 A1JFA C . -20.51 -5.67 8.14
C09 A1JFA C . -16.18 -7.22 11.21
N01 A1JFA C . -16.17 -4.82 9.49
O01 A1JFA C . -16.64 -3.51 9.06
O02 A1JFA C . -20.04 -2.30 8.95
O03 A1JFA C . -18.01 -1.46 8.23
O04 A1JFA C . -16.20 -10.80 11.73
O05 A1JFA C . -20.68 -4.51 10.26
C10 A1JFA D . 3.83 -17.25 -5.25
C11 A1JFA D . 2.75 -16.45 -5.24
C12 A1JFA D . 4.00 -14.55 -4.10
C13 A1JFA D . 1.60 -16.94 -5.76
C01 A1JFA D . 1.50 -18.17 -6.29
C02 A1JFA D . 2.59 -18.96 -6.34
C03 A1JFA D . 2.47 -20.31 -6.89
C04 A1JFA D . 2.07 -22.22 -7.79
C05 A1JFA D . 1.59 -23.43 -8.52
C06 A1JFA D . 1.64 -20.92 -7.77
C07 A1JFA D . 0.53 -20.34 -8.59
C08 A1JFA D . -0.86 -20.80 -8.15
C09 A1JFA D . 3.75 -18.50 -5.79
N01 A1JFA D . 3.38 -21.15 -6.28
O01 A1JFA D . 3.16 -22.46 -6.87
O02 A1JFA D . 1.11 -23.21 -9.76
O03 A1JFA D . 1.62 -24.57 -8.08
O04 A1JFA D . 2.83 -15.18 -4.67
O05 A1JFA D . 0.73 -20.69 -9.96
C10 A1JFA E . -8.27 4.38 -4.97
C10 A1JFA E . -7.35 4.66 -4.91
C11 A1JFA E . -9.57 3.97 -4.98
C11 A1JFA E . -8.56 4.14 -5.15
C12 A1JFA E . -8.77 2.30 -6.42
C12 A1JFA E . -9.89 2.48 -6.21
C13 A1JFA E . -10.43 4.57 -4.11
C13 A1JFA E . -9.61 4.51 -4.34
C01 A1JFA E . -10.03 5.54 -3.27
C01 A1JFA E . -9.45 5.37 -3.31
C02 A1JFA E . -8.73 5.96 -3.27
C02 A1JFA E . -8.24 5.91 -3.07
C03 A1JFA E . -8.30 7.02 -2.38
C03 A1JFA E . -8.11 6.85 -1.96
C04 A1JFA E . -7.33 8.32 -0.98
C04 A1JFA E . -7.59 8.10 -0.28
C06 A1JFA E . -7.23 7.11 -1.57
C06 A1JFA E . -7.12 7.11 -1.06
C07 A1JFA E . -6.12 6.09 -1.35
C07 A1JFA E . -5.76 6.43 -0.90
C08 A1JFA E . -6.08 5.54 0.09
C08 A1JFA E . -5.70 5.62 0.39
C09 A1JFA E . -7.87 5.36 -4.14
C09 A1JFA E . -7.19 5.55 -3.88
N01 A1JFA E . -9.12 8.13 -2.35
N01 A1JFA E . -9.22 7.67 -1.79
O01 A1JFA E . -8.51 9.05 -1.41
O01 A1JFA E . -8.93 8.53 -0.67
O04 A1JFA E . -9.91 2.92 -5.86
O04 A1JFA E . -8.68 3.23 -6.20
O05 A1JFA E . -4.84 6.62 -1.68
O05 A1JFA E . -4.66 7.33 -0.94
S DMS F . 2.76 -19.92 -2.36
O DMS F . 2.95 -19.80 -0.87
C1 DMS F . 2.81 -21.68 -2.77
C2 DMS F . 1.03 -19.65 -2.86
S DMS G . -7.46 -20.71 5.05
O DMS G . -6.44 -20.07 4.12
C1 DMS G . -8.65 -19.49 5.64
C2 DMS G . -8.55 -21.82 4.13
S DMS H . 12.22 6.11 -12.20
O DMS H . 12.24 6.21 -13.73
C1 DMS H . 13.79 5.29 -11.79
C2 DMS H . 12.78 7.76 -11.66
S DMS I . -22.13 1.96 4.70
O DMS I . -20.80 1.35 5.05
C1 DMS I . -22.58 1.44 3.03
C2 DMS I . -23.32 1.02 5.69
S DMS J . 4.26 -19.81 20.47
O DMS J . 5.63 -19.67 21.11
C1 DMS J . 4.60 -20.04 18.71
C2 DMS J . 3.68 -21.46 20.96
S DMS K . 2.55 -14.59 -13.22
O DMS K . 3.85 -15.37 -12.87
C1 DMS K . 1.21 -15.81 -13.20
C2 DMS K . 2.50 -14.45 -15.02
S DMS L . 7.93 11.79 8.09
O DMS L . 6.42 11.82 8.26
C1 DMS L . 8.38 10.07 7.74
C2 DMS L . 8.39 12.49 6.48
S DMS M . -4.93 9.04 -26.07
O DMS M . -4.43 9.04 -27.49
C1 DMS M . -5.13 10.78 -25.68
C2 DMS M . -6.68 8.56 -26.10
S DMS N . -14.47 13.74 6.79
O DMS N . -15.82 14.01 6.12
C1 DMS N . -14.18 12.00 7.24
C2 DMS N . -13.22 13.90 5.52
#